data_9F7V
#
_entry.id   9F7V
#
_cell.length_a   88.366
_cell.length_b   88.366
_cell.length_c   284.455
_cell.angle_alpha   90.000
_cell.angle_beta   90.000
_cell.angle_gamma   120.000
#
_symmetry.space_group_name_H-M   'P 65 2 2'
#
loop_
_entity.id
_entity.type
_entity.pdbx_description
1 polymer 'UPF0309 protein SCO4393'
2 non-polymer 'SULFATE ION'
3 non-polymer 2-acetamido-2-deoxy-6-O-phosphono-alpha-D-glucopyranose
4 water water
#
_entity_poly.entity_id   1
_entity_poly.type   'polypeptide(L)'
_entity_poly.pdbx_seq_one_letter_code
;MSDHKPAGQFLDAAIDLLRRVRDEEADSIEAAGTLLADTVQNGGRLFAFGAGHSSLAAQDVVYRAGGLALMNLLTVPGVV
GIDVMPATLGSALERVDGLASAVLDSSPLRAGDALVIISLSGRNALPVEMAMHARALGLRVIGVTSVAYASQTTSRHASG
TFLKDHCDIVLDSKIAVGDAELTLDTVPAPFAPASTVVTAALMQAVTATAAATLADRGIEPPLLRSGNVDGGHEWNARVL
EQYGERIFYRR
;
_entity_poly.pdbx_strand_id   A,B
#
# COMPACT_ATOMS: atom_id res chain seq x y z
N HIS A 4 -30.65 8.97 -25.20
CA HIS A 4 -30.36 10.39 -25.25
C HIS A 4 -30.98 11.13 -24.06
N LYS A 5 -32.03 10.56 -23.48
CA LYS A 5 -32.70 11.18 -22.36
C LYS A 5 -31.82 11.10 -21.10
N PRO A 6 -32.02 12.01 -20.14
CA PRO A 6 -31.11 12.04 -18.98
C PRO A 6 -31.12 10.74 -18.20
N ALA A 7 -32.29 10.13 -18.01
CA ALA A 7 -32.35 8.90 -17.24
C ALA A 7 -31.46 7.84 -17.87
N GLY A 8 -31.59 7.65 -19.18
CA GLY A 8 -30.80 6.62 -19.86
C GLY A 8 -29.31 6.92 -19.84
N GLN A 9 -28.94 8.18 -20.04
CA GLN A 9 -27.53 8.55 -19.96
C GLN A 9 -26.94 8.24 -18.59
N PHE A 10 -27.66 8.56 -17.51
CA PHE A 10 -27.13 8.28 -16.19
C PHE A 10 -26.99 6.77 -15.96
N LEU A 11 -28.04 6.02 -16.27
CA LEU A 11 -28.00 4.58 -16.06
C LEU A 11 -26.89 3.94 -16.87
N ASP A 12 -26.64 4.42 -18.09
CA ASP A 12 -25.53 3.89 -18.86
C ASP A 12 -24.20 4.22 -18.21
N ALA A 13 -24.10 5.40 -17.60
CA ALA A 13 -22.87 5.76 -16.89
C ALA A 13 -22.67 4.88 -15.66
N ALA A 14 -23.75 4.61 -14.92
CA ALA A 14 -23.66 3.77 -13.74
C ALA A 14 -23.30 2.33 -14.11
N ILE A 15 -23.92 1.80 -15.16
CA ILE A 15 -23.54 0.48 -15.67
C ILE A 15 -22.06 0.43 -16.02
N ASP A 16 -21.57 1.45 -16.72
CA ASP A 16 -20.17 1.45 -17.13
C ASP A 16 -19.24 1.49 -15.92
N LEU A 17 -19.64 2.18 -14.87
CA LEU A 17 -18.81 2.22 -13.66
C LEU A 17 -18.81 0.87 -12.97
N LEU A 18 -19.97 0.19 -12.94
CA LEU A 18 -20.02 -1.16 -12.39
C LEU A 18 -19.17 -2.12 -13.22
N ARG A 19 -19.14 -1.93 -14.55
CA ARG A 19 -18.29 -2.79 -15.36
C ARG A 19 -16.82 -2.56 -15.03
N ARG A 20 -16.43 -1.29 -14.82
CA ARG A 20 -15.05 -1.01 -14.46
C ARG A 20 -14.69 -1.65 -13.13
N VAL A 21 -15.57 -1.55 -12.13
CA VAL A 21 -15.32 -2.19 -10.85
C VAL A 21 -15.21 -3.69 -11.02
N ARG A 22 -16.12 -4.28 -11.79
CA ARG A 22 -16.11 -5.71 -12.00
C ARG A 22 -14.82 -6.16 -12.66
N ASP A 23 -14.37 -5.43 -13.69
CA ASP A 23 -13.22 -5.85 -14.48
C ASP A 23 -11.89 -5.42 -13.88
N GLU A 24 -11.86 -4.38 -13.04
CA GLU A 24 -10.60 -3.85 -12.53
C GLU A 24 -10.34 -4.19 -11.07
N GLU A 25 -11.37 -4.36 -10.25
CA GLU A 25 -11.24 -4.54 -8.82
C GLU A 25 -11.52 -5.97 -8.39
N ALA A 26 -11.61 -6.91 -9.34
CA ALA A 26 -11.93 -8.29 -8.99
C ALA A 26 -10.94 -8.86 -7.97
N ASP A 27 -9.64 -8.67 -8.20
CA ASP A 27 -8.67 -9.22 -7.27
C ASP A 27 -8.70 -8.50 -5.93
N SER A 28 -8.87 -7.17 -5.96
CA SER A 28 -8.95 -6.44 -4.70
C SER A 28 -10.23 -6.78 -3.94
N ILE A 29 -11.33 -6.97 -4.66
CA ILE A 29 -12.56 -7.40 -4.00
C ILE A 29 -12.38 -8.77 -3.37
N GLU A 30 -11.71 -9.68 -4.09
CA GLU A 30 -11.42 -11.00 -3.52
C GLU A 30 -10.55 -10.87 -2.28
N ALA A 31 -9.51 -10.05 -2.35
CA ALA A 31 -8.63 -9.89 -1.20
C ALA A 31 -9.37 -9.32 0.01
N ALA A 32 -10.26 -8.35 -0.22
CA ALA A 32 -11.01 -7.76 0.88
C ALA A 32 -11.97 -8.76 1.52
N GLY A 33 -12.73 -9.47 0.69
CA GLY A 33 -13.65 -10.47 1.23
C GLY A 33 -12.95 -11.58 1.98
N THR A 34 -11.79 -12.02 1.48
CA THR A 34 -10.98 -13.00 2.20
C THR A 34 -10.51 -12.48 3.56
N LEU A 35 -10.06 -11.22 3.62
CA LEU A 35 -9.70 -10.65 4.91
C LEU A 35 -10.88 -10.65 5.88
N LEU A 36 -12.08 -10.33 5.40
CA LEU A 36 -13.25 -10.39 6.26
C LEU A 36 -13.52 -11.81 6.73
N ALA A 37 -13.45 -12.78 5.81
CA ALA A 37 -13.64 -14.18 6.19
C ALA A 37 -12.57 -14.63 7.18
N ASP A 38 -11.32 -14.25 6.94
CA ASP A 38 -10.25 -14.59 7.88
C ASP A 38 -10.55 -14.04 9.26
N THR A 39 -11.04 -12.79 9.33
CA THR A 39 -11.30 -12.16 10.62
C THR A 39 -12.38 -12.91 11.38
N VAL A 40 -13.50 -13.22 10.71
CA VAL A 40 -14.55 -14.01 11.34
C VAL A 40 -13.98 -15.32 11.86
N GLN A 41 -13.23 -16.03 11.01
CA GLN A 41 -12.75 -17.35 11.39
C GLN A 41 -11.82 -17.27 12.60
N ASN A 42 -10.98 -16.24 12.63
CA ASN A 42 -10.02 -16.04 13.72
C ASN A 42 -10.67 -15.41 14.95
N GLY A 43 -11.98 -15.19 14.92
CA GLY A 43 -12.71 -14.70 16.07
C GLY A 43 -12.83 -13.20 16.17
N GLY A 44 -12.43 -12.46 15.15
CA GLY A 44 -12.53 -11.01 15.17
C GLY A 44 -13.93 -10.52 14.83
N ARG A 45 -14.09 -9.21 14.92
CA ARG A 45 -15.31 -8.49 14.60
C ARG A 45 -15.15 -7.71 13.30
N LEU A 46 -16.28 -7.41 12.67
CA LEU A 46 -16.33 -6.67 11.42
C LEU A 46 -17.14 -5.40 11.61
N PHE A 47 -16.60 -4.28 11.13
CA PHE A 47 -17.27 -2.99 11.22
C PHE A 47 -17.11 -2.26 9.89
N ALA A 48 -18.09 -1.41 9.59
CA ALA A 48 -18.05 -0.58 8.39
C ALA A 48 -18.38 0.86 8.76
N PHE A 49 -17.67 1.80 8.14
CA PHE A 49 -17.86 3.21 8.40
C PHE A 49 -17.84 4.02 7.12
N GLY A 50 -18.69 5.04 7.06
CA GLY A 50 -18.54 6.12 6.12
C GLY A 50 -19.24 7.35 6.64
N ALA A 51 -18.82 8.50 6.14
CA ALA A 51 -19.41 9.78 6.53
C ALA A 51 -20.39 10.24 5.46
N GLY A 52 -21.45 10.90 5.91
CA GLY A 52 -22.38 11.50 4.97
C GLY A 52 -22.96 10.44 4.07
N HIS A 53 -22.97 10.71 2.76
CA HIS A 53 -23.54 9.73 1.84
C HIS A 53 -22.67 8.48 1.72
N SER A 54 -21.40 8.55 2.12
CA SER A 54 -20.58 7.34 2.17
C SER A 54 -21.03 6.41 3.28
N SER A 55 -21.71 6.94 4.29
CA SER A 55 -22.34 6.10 5.30
C SER A 55 -23.37 5.14 4.72
N LEU A 56 -23.93 5.45 3.55
CA LEU A 56 -25.02 4.65 3.01
C LEU A 56 -24.54 3.29 2.53
N ALA A 57 -23.36 3.23 1.91
CA ALA A 57 -22.80 1.94 1.53
C ALA A 57 -22.47 1.08 2.75
N ALA A 58 -22.01 1.71 3.82
CA ALA A 58 -21.72 0.97 5.05
C ALA A 58 -23.01 0.40 5.65
N GLN A 59 -24.06 1.22 5.72
CA GLN A 59 -25.35 0.76 6.22
C GLN A 59 -25.93 -0.35 5.36
N ASP A 60 -25.61 -0.39 4.07
CA ASP A 60 -26.24 -1.35 3.18
C ASP A 60 -25.80 -2.78 3.47
N VAL A 61 -24.71 -2.99 4.21
CA VAL A 61 -24.24 -4.31 4.58
C VAL A 61 -24.55 -4.66 6.04
N VAL A 62 -25.29 -3.80 6.76
CA VAL A 62 -25.57 -4.01 8.17
C VAL A 62 -27.04 -4.37 8.35
N TYR A 63 -27.28 -5.45 9.11
CA TYR A 63 -28.64 -5.94 9.38
C TYR A 63 -29.43 -6.03 8.09
N ARG A 64 -28.86 -6.74 7.11
CA ARG A 64 -29.32 -6.64 5.74
C ARG A 64 -29.80 -8.00 5.27
N ALA A 65 -30.97 -8.02 4.61
CA ALA A 65 -31.41 -9.18 3.86
C ALA A 65 -30.31 -9.67 2.93
N GLY A 66 -29.91 -10.92 3.08
CA GLY A 66 -28.87 -11.48 2.26
C GLY A 66 -27.47 -11.12 2.67
N GLY A 67 -27.29 -10.47 3.83
CA GLY A 67 -26.01 -10.00 4.27
C GLY A 67 -25.52 -10.77 5.49
N LEU A 68 -24.30 -10.44 5.91
CA LEU A 68 -23.68 -11.10 7.04
C LEU A 68 -24.16 -10.49 8.36
N ALA A 69 -24.64 -11.36 9.27
CA ALA A 69 -25.07 -10.86 10.57
C ALA A 69 -23.92 -10.23 11.34
N LEU A 70 -22.68 -10.62 11.03
CA LEU A 70 -21.52 -10.19 11.80
C LEU A 70 -21.01 -8.81 11.42
N MET A 71 -21.53 -8.21 10.35
CA MET A 71 -21.09 -6.87 9.95
C MET A 71 -21.81 -5.82 10.80
N ASN A 72 -21.03 -4.92 11.40
CA ASN A 72 -21.53 -3.88 12.27
C ASN A 72 -21.29 -2.51 11.66
N LEU A 73 -22.08 -1.54 12.10
CA LEU A 73 -21.91 -0.15 11.68
C LEU A 73 -21.13 0.61 12.74
N LEU A 74 -20.06 1.29 12.32
CA LEU A 74 -19.34 2.23 13.19
C LEU A 74 -19.94 3.62 13.02
N THR A 75 -20.60 4.12 14.06
CA THR A 75 -21.38 5.35 14.00
C THR A 75 -20.58 6.50 14.59
N VAL A 76 -20.26 7.49 13.76
CA VAL A 76 -19.75 8.78 14.23
C VAL A 76 -20.94 9.74 14.34
N PRO A 77 -21.27 10.24 15.53
CA PRO A 77 -22.49 11.04 15.66
C PRO A 77 -22.43 12.28 14.78
N GLY A 78 -23.54 12.54 14.07
CA GLY A 78 -23.67 13.69 13.22
C GLY A 78 -23.34 13.45 11.75
N VAL A 79 -22.64 12.36 11.42
CA VAL A 79 -22.31 12.03 10.03
C VAL A 79 -22.89 10.70 9.59
N VAL A 80 -23.83 10.13 10.35
CA VAL A 80 -24.54 8.93 9.91
C VAL A 80 -25.55 9.38 8.85
N GLY A 81 -25.22 9.20 7.59
CA GLY A 81 -26.06 9.75 6.55
C GLY A 81 -26.09 11.27 6.66
N ILE A 82 -27.24 11.85 6.29
CA ILE A 82 -27.39 13.29 6.23
C ILE A 82 -28.53 13.75 7.14
N ASP A 83 -28.89 12.91 8.10
CA ASP A 83 -30.01 13.18 8.99
C ASP A 83 -29.79 14.39 9.90
N VAL A 84 -28.54 14.82 10.10
CA VAL A 84 -28.21 15.78 11.15
C VAL A 84 -28.77 17.15 10.78
N MET A 85 -29.13 17.94 11.80
CA MET A 85 -29.67 19.28 11.61
C MET A 85 -28.68 20.33 12.12
N PRO A 86 -28.23 21.26 11.28
CA PRO A 86 -28.42 21.34 9.83
C PRO A 86 -27.53 20.33 9.10
N ALA A 87 -27.90 19.89 7.89
CA ALA A 87 -27.11 18.90 7.18
C ALA A 87 -25.68 19.37 6.95
N THR A 88 -25.49 20.69 6.82
CA THR A 88 -24.16 21.26 6.60
C THR A 88 -23.21 21.00 7.76
N LEU A 89 -23.72 20.76 8.97
CA LEU A 89 -22.84 20.40 10.07
C LEU A 89 -22.12 19.08 9.81
N GLY A 90 -22.77 18.15 9.12
CA GLY A 90 -22.09 16.91 8.76
C GLY A 90 -20.80 17.16 8.02
N SER A 91 -20.83 18.09 7.07
CA SER A 91 -19.62 18.44 6.33
C SER A 91 -18.56 19.02 7.25
N ALA A 92 -18.96 19.88 8.17
CA ALA A 92 -18.00 20.49 9.10
C ALA A 92 -17.40 19.45 10.04
N LEU A 93 -18.18 18.45 10.45
CA LEU A 93 -17.65 17.43 11.36
C LEU A 93 -16.55 16.59 10.72
N GLU A 94 -16.55 16.45 9.40
CA GLU A 94 -15.48 15.72 8.72
C GLU A 94 -14.13 16.40 8.84
N ARG A 95 -14.07 17.63 9.31
CA ARG A 95 -12.81 18.35 9.42
C ARG A 95 -12.30 18.38 10.86
N VAL A 96 -12.99 17.75 11.79
CA VAL A 96 -12.68 17.88 13.21
C VAL A 96 -11.66 16.79 13.55
N ASP A 97 -10.47 17.21 13.98
CA ASP A 97 -9.47 16.28 14.46
C ASP A 97 -9.84 15.75 15.83
N GLY A 98 -9.73 14.43 16.01
CA GLY A 98 -9.98 13.79 17.27
C GLY A 98 -11.33 13.12 17.38
N LEU A 99 -12.26 13.45 16.48
CA LEU A 99 -13.54 12.76 16.49
C LEU A 99 -13.37 11.28 16.18
N ALA A 100 -12.53 10.95 15.19
CA ALA A 100 -12.37 9.56 14.79
C ALA A 100 -11.79 8.72 15.92
N SER A 101 -10.78 9.23 16.60
CA SER A 101 -10.19 8.52 17.73
C SER A 101 -11.16 8.37 18.89
N ALA A 102 -11.93 9.42 19.19
CA ALA A 102 -12.97 9.30 20.21
C ALA A 102 -13.91 8.15 19.91
N VAL A 103 -14.31 8.01 18.65
CA VAL A 103 -15.30 6.99 18.31
C VAL A 103 -14.66 5.62 18.34
N LEU A 104 -13.43 5.50 17.84
CA LEU A 104 -12.75 4.21 17.83
C LEU A 104 -12.44 3.76 19.25
N ASP A 105 -11.96 4.68 20.09
CA ASP A 105 -11.56 4.30 21.44
C ASP A 105 -12.76 3.91 22.30
N SER A 106 -13.95 4.45 22.00
CA SER A 106 -15.14 4.09 22.76
C SER A 106 -15.79 2.81 22.26
N SER A 107 -15.49 2.40 21.04
CA SER A 107 -16.15 1.27 20.42
C SER A 107 -15.57 -0.02 20.99
N PRO A 108 -16.17 -1.17 20.67
CA PRO A 108 -15.57 -2.45 21.07
C PRO A 108 -14.51 -2.97 20.12
N LEU A 109 -14.12 -2.17 19.11
CA LEU A 109 -13.10 -2.62 18.18
C LEU A 109 -11.78 -2.82 18.93
N ARG A 110 -11.09 -3.90 18.56
CA ARG A 110 -9.84 -4.26 19.20
C ARG A 110 -8.89 -4.81 18.15
N ALA A 111 -7.61 -4.92 18.53
CA ALA A 111 -6.61 -5.43 17.61
C ALA A 111 -7.08 -6.72 16.96
N GLY A 112 -6.87 -6.82 15.65
CA GLY A 112 -7.28 -7.97 14.87
C GLY A 112 -8.63 -7.82 14.19
N ASP A 113 -9.47 -6.91 14.66
CA ASP A 113 -10.75 -6.66 14.01
C ASP A 113 -10.52 -6.07 12.63
N ALA A 114 -11.58 -6.06 11.83
CA ALA A 114 -11.54 -5.53 10.47
C ALA A 114 -12.48 -4.33 10.41
N LEU A 115 -12.00 -3.22 9.85
CA LEU A 115 -12.81 -2.03 9.63
C LEU A 115 -12.76 -1.65 8.16
N VAL A 116 -13.94 -1.53 7.54
CA VAL A 116 -14.05 -1.00 6.19
C VAL A 116 -14.37 0.48 6.33
N ILE A 117 -13.63 1.32 5.59
CA ILE A 117 -13.83 2.76 5.58
C ILE A 117 -14.18 3.20 4.17
N ILE A 118 -15.38 3.75 4.00
CA ILE A 118 -15.82 4.28 2.72
C ILE A 118 -15.68 5.80 2.75
N SER A 119 -14.87 6.32 1.83
CA SER A 119 -14.73 7.76 1.64
C SER A 119 -14.35 7.99 0.19
N LEU A 120 -15.24 8.64 -0.57
CA LEU A 120 -14.98 8.84 -1.99
C LEU A 120 -13.72 9.68 -2.20
N SER A 121 -13.64 10.84 -1.55
CA SER A 121 -12.50 11.72 -1.74
C SER A 121 -11.26 11.23 -0.98
N GLY A 122 -11.46 10.60 0.17
CA GLY A 122 -10.34 10.20 1.01
C GLY A 122 -9.43 11.32 1.48
N ARG A 123 -9.91 12.57 1.46
CA ARG A 123 -9.05 13.72 1.65
C ARG A 123 -9.27 14.45 2.98
N ASN A 124 -10.37 14.19 3.67
CA ASN A 124 -10.70 14.97 4.86
C ASN A 124 -10.09 14.34 6.11
N ALA A 125 -10.01 15.16 7.16
CA ALA A 125 -9.39 14.73 8.41
C ALA A 125 -10.05 13.49 9.00
N LEU A 126 -11.39 13.46 9.02
CA LEU A 126 -12.09 12.38 9.72
C LEU A 126 -11.79 11.00 9.13
N PRO A 127 -11.96 10.76 7.82
CA PRO A 127 -11.66 9.42 7.32
C PRO A 127 -10.18 9.08 7.35
N VAL A 128 -9.31 10.06 7.17
CA VAL A 128 -7.87 9.80 7.21
C VAL A 128 -7.44 9.43 8.63
N GLU A 129 -7.89 10.22 9.61
CA GLU A 129 -7.58 9.91 11.00
C GLU A 129 -8.16 8.56 11.40
N MET A 130 -9.37 8.26 10.92
CA MET A 130 -9.99 6.98 11.23
C MET A 130 -9.10 5.83 10.80
N ALA A 131 -8.55 5.89 9.59
CA ALA A 131 -7.68 4.82 9.12
C ALA A 131 -6.37 4.78 9.91
N MET A 132 -5.72 5.92 10.10
CA MET A 132 -4.46 5.95 10.83
C MET A 132 -4.63 5.41 12.24
N HIS A 133 -5.66 5.86 12.95
CA HIS A 133 -5.80 5.45 14.34
C HIS A 133 -6.26 4.01 14.44
N ALA A 134 -7.11 3.56 13.52
CA ALA A 134 -7.52 2.16 13.50
C ALA A 134 -6.32 1.24 13.31
N ARG A 135 -5.40 1.61 12.43
CA ARG A 135 -4.21 0.78 12.22
C ARG A 135 -3.31 0.83 13.44
N ALA A 136 -3.23 1.99 14.09
CA ALA A 136 -2.46 2.12 15.32
C ALA A 136 -3.01 1.21 16.42
N LEU A 137 -4.32 0.95 16.39
CA LEU A 137 -4.96 0.06 17.34
C LEU A 137 -4.83 -1.41 16.96
N GLY A 138 -4.19 -1.72 15.84
CA GLY A 138 -4.02 -3.08 15.38
C GLY A 138 -5.14 -3.61 14.50
N LEU A 139 -6.04 -2.75 14.04
CA LEU A 139 -7.09 -3.18 13.13
C LEU A 139 -6.57 -3.31 11.71
N ARG A 140 -7.18 -4.22 10.96
CA ARG A 140 -6.99 -4.30 9.52
C ARG A 140 -7.99 -3.36 8.87
N VAL A 141 -7.54 -2.57 7.90
CA VAL A 141 -8.38 -1.52 7.33
C VAL A 141 -8.52 -1.74 5.84
N ILE A 142 -9.77 -1.81 5.38
CA ILE A 142 -10.12 -1.81 3.97
C ILE A 142 -10.72 -0.44 3.65
N GLY A 143 -10.14 0.25 2.69
CA GLY A 143 -10.69 1.52 2.24
C GLY A 143 -11.44 1.35 0.93
N VAL A 144 -12.56 2.06 0.82
CA VAL A 144 -13.34 2.12 -0.41
C VAL A 144 -13.36 3.58 -0.82
N THR A 145 -12.61 3.90 -1.88
CA THR A 145 -12.26 5.28 -2.13
C THR A 145 -11.90 5.42 -3.61
N SER A 146 -12.11 6.61 -4.15
CA SER A 146 -11.72 6.91 -5.52
C SER A 146 -10.29 7.43 -5.49
N VAL A 147 -9.33 6.59 -5.91
CA VAL A 147 -7.92 6.92 -5.79
C VAL A 147 -7.55 8.12 -6.66
N ALA A 148 -8.33 8.38 -7.71
CA ALA A 148 -8.11 9.57 -8.54
C ALA A 148 -8.05 10.85 -7.70
N TYR A 149 -8.84 10.93 -6.63
CA TYR A 149 -8.82 12.14 -5.81
C TYR A 149 -7.44 12.39 -5.20
N ALA A 150 -6.68 11.34 -4.90
CA ALA A 150 -5.37 11.54 -4.28
C ALA A 150 -4.37 12.21 -5.21
N SER A 151 -4.56 12.14 -6.53
CA SER A 151 -3.69 12.86 -7.44
C SER A 151 -4.24 14.20 -7.90
N GLN A 152 -5.56 14.42 -7.81
CA GLN A 152 -6.17 15.61 -8.36
C GLN A 152 -6.67 16.61 -7.32
N THR A 153 -6.65 16.26 -6.04
CA THR A 153 -7.04 17.16 -4.97
C THR A 153 -5.93 17.19 -3.92
N THR A 154 -5.97 18.20 -3.06
CA THR A 154 -5.04 18.31 -1.95
C THR A 154 -5.62 17.69 -0.69
N SER A 155 -4.76 17.02 0.08
CA SER A 155 -5.19 16.47 1.36
C SER A 155 -5.58 17.59 2.30
N ARG A 156 -6.66 17.38 3.04
CA ARG A 156 -7.03 18.31 4.12
C ARG A 156 -6.68 17.77 5.50
N HIS A 157 -5.97 16.65 5.56
CA HIS A 157 -5.44 16.15 6.82
C HIS A 157 -4.06 16.75 7.06
N ALA A 158 -3.73 16.95 8.34
CA ALA A 158 -2.46 17.56 8.70
C ALA A 158 -1.27 16.80 8.11
N SER A 159 -1.41 15.49 7.92
CA SER A 159 -0.34 14.67 7.39
C SER A 159 -0.09 14.89 5.91
N GLY A 160 -1.00 15.55 5.20
CA GLY A 160 -0.90 15.64 3.75
C GLY A 160 -1.20 14.36 3.00
N THR A 161 -1.69 13.33 3.69
CA THR A 161 -1.95 12.03 3.08
C THR A 161 -3.44 11.82 2.90
N PHE A 162 -3.76 10.74 2.18
CA PHE A 162 -5.12 10.36 1.82
C PHE A 162 -5.47 9.04 2.51
N LEU A 163 -6.77 8.73 2.51
CA LEU A 163 -7.23 7.47 3.07
C LEU A 163 -6.42 6.28 2.55
N LYS A 164 -6.21 6.21 1.23
CA LYS A 164 -5.59 5.03 0.65
C LYS A 164 -4.16 4.80 1.13
N ASP A 165 -3.50 5.85 1.65
CA ASP A 165 -2.15 5.70 2.17
C ASP A 165 -2.10 4.98 3.51
N HIS A 166 -3.26 4.67 4.10
CA HIS A 166 -3.32 4.05 5.43
C HIS A 166 -4.20 2.81 5.45
N CYS A 167 -4.42 2.18 4.29
CA CYS A 167 -5.25 0.99 4.19
C CYS A 167 -4.40 -0.24 3.93
N ASP A 168 -4.82 -1.37 4.49
CA ASP A 168 -4.25 -2.65 4.12
C ASP A 168 -4.69 -3.08 2.72
N ILE A 169 -5.93 -2.75 2.35
CA ILE A 169 -6.50 -3.07 1.05
C ILE A 169 -7.27 -1.84 0.59
N VAL A 170 -7.09 -1.49 -0.68
CA VAL A 170 -7.78 -0.36 -1.29
C VAL A 170 -8.68 -0.86 -2.41
N LEU A 171 -9.96 -0.51 -2.34
CA LEU A 171 -10.93 -0.74 -3.40
C LEU A 171 -11.22 0.60 -4.08
N ASP A 172 -10.85 0.70 -5.37
CA ASP A 172 -10.98 1.94 -6.11
C ASP A 172 -12.39 2.09 -6.66
N SER A 173 -13.12 3.09 -6.20
CA SER A 173 -14.52 3.28 -6.58
C SER A 173 -14.70 4.14 -7.83
N LYS A 174 -13.61 4.51 -8.50
CA LYS A 174 -13.63 4.95 -9.90
C LYS A 174 -14.22 6.34 -10.16
N ILE A 175 -15.12 6.82 -9.30
CA ILE A 175 -15.83 8.06 -9.58
C ILE A 175 -14.85 9.19 -9.87
N ALA A 176 -15.06 9.88 -11.00
CA ALA A 176 -14.26 11.05 -11.34
C ALA A 176 -14.50 12.18 -10.37
N VAL A 177 -13.49 13.05 -10.21
CA VAL A 177 -13.60 14.15 -9.28
C VAL A 177 -14.83 14.99 -9.59
N GLY A 178 -15.61 15.30 -8.57
CA GLY A 178 -16.84 16.05 -8.70
C GLY A 178 -18.09 15.24 -8.43
N ASP A 179 -18.01 13.92 -8.54
CA ASP A 179 -19.12 13.02 -8.24
C ASP A 179 -20.40 13.46 -8.96
N ALA A 180 -20.30 13.55 -10.29
CA ALA A 180 -21.43 13.95 -11.13
C ALA A 180 -21.14 13.49 -12.55
N GLU A 181 -22.05 12.71 -13.13
CA GLU A 181 -21.79 12.01 -14.38
C GLU A 181 -22.36 12.69 -15.62
N LEU A 182 -23.24 13.68 -15.47
CA LEU A 182 -23.89 14.30 -16.61
C LEU A 182 -23.60 15.79 -16.64
N THR A 183 -23.62 16.34 -17.85
CA THR A 183 -23.55 17.77 -18.07
C THR A 183 -24.60 18.17 -19.11
N LEU A 184 -25.08 19.42 -19.00
CA LEU A 184 -25.96 20.03 -19.99
C LEU A 184 -25.40 21.38 -20.40
N ASP A 185 -25.42 21.65 -21.71
CA ASP A 185 -24.79 22.87 -22.24
C ASP A 185 -25.29 24.13 -21.54
N THR A 186 -26.60 24.21 -21.26
CA THR A 186 -27.13 25.40 -20.62
C THR A 186 -26.84 25.47 -19.13
N VAL A 187 -26.34 24.39 -18.53
CA VAL A 187 -26.27 24.24 -17.08
C VAL A 187 -24.80 24.25 -16.68
N PRO A 188 -24.35 25.19 -15.84
CA PRO A 188 -22.91 25.24 -15.53
C PRO A 188 -22.42 24.10 -14.66
N ALA A 189 -23.22 23.64 -13.68
CA ALA A 189 -22.70 22.58 -12.84
C ALA A 189 -23.06 21.20 -13.39
N PRO A 190 -22.17 20.22 -13.24
CA PRO A 190 -22.54 18.84 -13.54
C PRO A 190 -23.53 18.31 -12.52
N PHE A 191 -24.24 17.25 -12.89
CA PHE A 191 -25.22 16.65 -12.00
C PHE A 191 -25.24 15.14 -12.19
N ALA A 192 -25.90 14.48 -11.23
CA ALA A 192 -26.31 13.08 -11.25
C ALA A 192 -25.19 12.20 -10.70
N PRO A 193 -25.10 12.04 -9.38
CA PRO A 193 -24.01 11.25 -8.80
C PRO A 193 -24.29 9.76 -8.77
N ALA A 194 -23.28 8.98 -9.14
CA ALA A 194 -23.35 7.53 -9.10
C ALA A 194 -22.56 6.91 -7.96
N SER A 195 -21.91 7.72 -7.11
CA SER A 195 -20.99 7.15 -6.13
C SER A 195 -21.68 6.17 -5.20
N THR A 196 -22.95 6.40 -4.86
CA THR A 196 -23.62 5.48 -3.95
C THR A 196 -24.00 4.19 -4.66
N VAL A 197 -24.49 4.30 -5.90
CA VAL A 197 -24.68 3.12 -6.75
C VAL A 197 -23.43 2.25 -6.77
N VAL A 198 -22.27 2.87 -7.03
CA VAL A 198 -21.03 2.11 -7.18
C VAL A 198 -20.54 1.56 -5.84
N THR A 199 -20.56 2.39 -4.78
CA THR A 199 -19.98 1.94 -3.52
C THR A 199 -20.83 0.85 -2.88
N ALA A 200 -22.16 0.95 -3.00
CA ALA A 200 -23.01 -0.10 -2.45
C ALA A 200 -22.69 -1.41 -3.14
N ALA A 201 -22.50 -1.37 -4.46
CA ALA A 201 -22.24 -2.59 -5.22
C ALA A 201 -20.90 -3.18 -4.82
N LEU A 202 -19.89 -2.34 -4.67
CA LEU A 202 -18.59 -2.81 -4.20
C LEU A 202 -18.71 -3.50 -2.84
N MET A 203 -19.42 -2.86 -1.91
CA MET A 203 -19.60 -3.44 -0.59
C MET A 203 -20.30 -4.79 -0.65
N GLN A 204 -21.35 -4.91 -1.47
CA GLN A 204 -22.04 -6.19 -1.55
C GLN A 204 -21.13 -7.25 -2.17
N ALA A 205 -20.31 -6.83 -3.15
CA ALA A 205 -19.39 -7.77 -3.77
C ALA A 205 -18.37 -8.27 -2.76
N VAL A 206 -17.93 -7.38 -1.86
CA VAL A 206 -16.99 -7.74 -0.81
C VAL A 206 -17.62 -8.73 0.17
N THR A 207 -18.80 -8.40 0.68
CA THR A 207 -19.44 -9.27 1.67
C THR A 207 -19.89 -10.58 1.04
N ALA A 208 -20.34 -10.54 -0.23
CA ALA A 208 -20.68 -11.79 -0.91
C ALA A 208 -19.47 -12.70 -1.00
N THR A 209 -18.30 -12.13 -1.25
CA THR A 209 -17.07 -12.92 -1.30
C THR A 209 -16.78 -13.56 0.05
N ALA A 210 -16.96 -12.79 1.13
CA ALA A 210 -16.72 -13.34 2.46
C ALA A 210 -17.65 -14.51 2.75
N ALA A 211 -18.93 -14.38 2.40
CA ALA A 211 -19.87 -15.48 2.63
C ALA A 211 -19.47 -16.71 1.84
N ALA A 212 -19.12 -16.52 0.57
CA ALA A 212 -18.72 -17.65 -0.26
C ALA A 212 -17.44 -18.30 0.25
N THR A 213 -16.49 -17.47 0.70
CA THR A 213 -15.22 -18.01 1.19
C THR A 213 -15.42 -18.87 2.44
N LEU A 214 -16.21 -18.38 3.40
CA LEU A 214 -16.54 -19.19 4.56
C LEU A 214 -17.16 -20.52 4.14
N ALA A 215 -18.11 -20.48 3.21
CA ALA A 215 -18.77 -21.70 2.77
C ALA A 215 -17.77 -22.67 2.17
N ASP A 216 -16.85 -22.18 1.33
CA ASP A 216 -15.89 -23.06 0.69
C ASP A 216 -14.99 -23.74 1.71
N ARG A 217 -14.79 -23.11 2.87
CA ARG A 217 -14.01 -23.68 3.96
C ARG A 217 -14.84 -24.57 4.88
N GLY A 218 -16.08 -24.90 4.49
CA GLY A 218 -16.96 -25.69 5.32
C GLY A 218 -17.52 -24.95 6.52
N ILE A 219 -17.55 -23.62 6.48
CA ILE A 219 -18.09 -22.81 7.57
C ILE A 219 -19.37 -22.16 7.05
N GLU A 220 -20.49 -22.47 7.71
CA GLU A 220 -21.77 -21.91 7.28
C GLU A 220 -21.79 -20.41 7.50
N PRO A 221 -21.88 -19.59 6.45
CA PRO A 221 -21.94 -18.14 6.64
C PRO A 221 -23.19 -17.73 7.39
N PRO A 222 -23.06 -16.85 8.40
CA PRO A 222 -24.25 -16.43 9.17
C PRO A 222 -25.07 -15.36 8.44
N LEU A 223 -25.93 -15.81 7.55
CA LEU A 223 -26.68 -14.92 6.67
C LEU A 223 -28.06 -14.63 7.23
N LEU A 224 -28.50 -13.39 7.04
CA LEU A 224 -29.85 -12.95 7.41
C LEU A 224 -30.78 -13.02 6.20
N ARG A 225 -32.08 -13.18 6.49
CA ARG A 225 -33.12 -13.15 5.49
C ARG A 225 -33.90 -11.83 5.59
N SER A 226 -34.62 -11.50 4.52
CA SER A 226 -35.44 -10.29 4.54
C SER A 226 -36.55 -10.44 5.57
N GLY A 227 -36.72 -9.43 6.42
CA GLY A 227 -37.87 -9.41 7.31
C GLY A 227 -39.20 -9.10 6.66
N ASN A 228 -39.22 -8.82 5.35
CA ASN A 228 -40.46 -8.54 4.63
C ASN A 228 -40.84 -9.67 3.72
N VAL A 229 -40.23 -10.84 3.92
CA VAL A 229 -40.75 -12.11 3.45
C VAL A 229 -41.12 -12.92 4.68
N ASP A 230 -42.31 -13.50 4.65
CA ASP A 230 -42.80 -14.27 5.80
C ASP A 230 -41.74 -15.23 6.33
N GLY A 231 -41.57 -15.23 7.65
CA GLY A 231 -40.57 -16.04 8.31
C GLY A 231 -39.20 -15.42 8.46
N GLY A 232 -38.96 -14.24 7.88
CA GLY A 232 -37.62 -13.69 7.91
C GLY A 232 -37.19 -13.31 9.32
N HIS A 233 -38.08 -12.68 10.08
CA HIS A 233 -37.73 -12.24 11.42
C HIS A 233 -37.49 -13.42 12.36
N GLU A 234 -38.26 -14.50 12.19
CA GLU A 234 -38.00 -15.71 12.98
C GLU A 234 -36.63 -16.28 12.64
N TRP A 235 -36.33 -16.39 11.35
CA TRP A 235 -34.99 -16.84 10.94
C TRP A 235 -33.90 -15.97 11.57
N ASN A 236 -34.04 -14.65 11.45
CA ASN A 236 -32.98 -13.76 11.92
C ASN A 236 -32.82 -13.84 13.44
N ALA A 237 -33.92 -13.97 14.17
CA ALA A 237 -33.80 -14.07 15.62
C ALA A 237 -32.86 -15.19 16.03
N ARG A 238 -32.98 -16.36 15.39
CA ARG A 238 -32.06 -17.46 15.67
C ARG A 238 -30.62 -17.04 15.44
N VAL A 239 -30.36 -16.43 14.27
CA VAL A 239 -28.99 -16.10 13.90
C VAL A 239 -28.42 -15.03 14.81
N LEU A 240 -29.21 -13.98 15.08
CA LEU A 240 -28.74 -12.89 15.91
C LEU A 240 -28.41 -13.35 17.33
N GLU A 241 -29.22 -14.25 17.89
CA GLU A 241 -28.90 -14.81 19.20
C GLU A 241 -27.62 -15.63 19.14
N GLN A 242 -27.49 -16.49 18.12
CA GLN A 242 -26.34 -17.37 18.02
C GLN A 242 -25.03 -16.58 18.00
N TYR A 243 -24.95 -15.54 17.18
CA TYR A 243 -23.73 -14.76 17.02
C TYR A 243 -23.81 -13.45 17.80
N GLY A 244 -24.72 -13.36 18.76
CA GLY A 244 -24.91 -12.12 19.51
C GLY A 244 -23.63 -11.54 20.08
N GLU A 245 -22.68 -12.39 20.46
CA GLU A 245 -21.50 -11.90 21.15
C GLU A 245 -20.67 -10.96 20.28
N ARG A 246 -20.71 -11.13 18.96
CA ARG A 246 -19.96 -10.28 18.06
C ARG A 246 -20.88 -9.35 17.25
N ILE A 247 -22.11 -9.16 17.72
CA ILE A 247 -23.09 -8.30 17.08
C ILE A 247 -23.46 -7.21 18.07
N PHE A 248 -23.37 -5.96 17.64
CA PHE A 248 -23.49 -4.82 18.53
C PHE A 248 -24.69 -3.94 18.25
N TYR A 249 -25.52 -4.29 17.26
CA TYR A 249 -26.75 -3.58 16.97
C TYR A 249 -27.98 -4.23 17.60
N ARG A 250 -27.80 -5.29 18.38
CA ARG A 250 -28.88 -5.84 19.20
C ARG A 250 -28.28 -6.56 20.40
N ARG A 251 -29.15 -7.08 21.26
CA ARG A 251 -28.73 -7.76 22.49
C ARG A 251 -29.62 -8.97 22.79
N HIS B 4 21.90 23.06 -22.64
CA HIS B 4 22.45 23.41 -23.94
C HIS B 4 22.57 22.15 -24.80
N LYS B 5 23.49 21.26 -24.41
CA LYS B 5 23.68 20.04 -25.17
C LYS B 5 23.13 18.84 -24.38
N PRO B 6 22.74 17.76 -25.06
CA PRO B 6 22.06 16.67 -24.35
C PRO B 6 22.84 16.17 -23.13
N ALA B 7 24.14 15.96 -23.27
CA ALA B 7 24.93 15.45 -22.15
C ALA B 7 24.84 16.39 -20.95
N GLY B 8 25.05 17.69 -21.16
CA GLY B 8 25.00 18.63 -20.06
C GLY B 8 23.61 18.77 -19.45
N GLN B 9 22.58 18.73 -20.29
CA GLN B 9 21.22 18.78 -19.77
C GLN B 9 20.90 17.57 -18.89
N PHE B 10 21.28 16.37 -19.32
CA PHE B 10 21.04 15.20 -18.49
C PHE B 10 21.84 15.27 -17.19
N LEU B 11 23.14 15.58 -17.30
CA LEU B 11 23.98 15.65 -16.11
C LEU B 11 23.45 16.69 -15.15
N ASP B 12 23.00 17.84 -15.67
CA ASP B 12 22.42 18.86 -14.80
C ASP B 12 21.15 18.35 -14.16
N ALA B 13 20.33 17.61 -14.93
CA ALA B 13 19.13 17.00 -14.36
C ALA B 13 19.49 16.00 -13.27
N ALA B 14 20.49 15.17 -13.51
CA ALA B 14 20.94 14.21 -12.50
C ALA B 14 21.46 14.93 -11.26
N ILE B 15 22.27 15.97 -11.45
CA ILE B 15 22.77 16.72 -10.30
C ILE B 15 21.61 17.29 -9.49
N ASP B 16 20.61 17.85 -10.17
CA ASP B 16 19.47 18.42 -9.46
C ASP B 16 18.72 17.35 -8.68
N LEU B 17 18.59 16.15 -9.26
CA LEU B 17 17.96 15.06 -8.54
C LEU B 17 18.76 14.69 -7.29
N LEU B 18 20.08 14.61 -7.41
CA LEU B 18 20.91 14.30 -6.25
C LEU B 18 20.76 15.38 -5.17
N ARG B 19 20.71 16.64 -5.56
CA ARG B 19 20.48 17.70 -4.58
C ARG B 19 19.14 17.53 -3.88
N ARG B 20 18.09 17.15 -4.62
CA ARG B 20 16.80 16.91 -4.02
C ARG B 20 16.89 15.79 -2.98
N VAL B 21 17.53 14.68 -3.34
CA VAL B 21 17.70 13.59 -2.38
C VAL B 21 18.46 14.08 -1.16
N ARG B 22 19.55 14.81 -1.38
CA ARG B 22 20.37 15.30 -0.27
C ARG B 22 19.57 16.18 0.67
N ASP B 23 18.76 17.07 0.12
CA ASP B 23 18.06 18.08 0.91
C ASP B 23 16.74 17.56 1.49
N GLU B 24 16.05 16.68 0.80
CA GLU B 24 14.72 16.24 1.22
C GLU B 24 14.74 14.90 1.95
N GLU B 25 15.72 14.05 1.71
CA GLU B 25 15.75 12.71 2.28
C GLU B 25 16.77 12.55 3.39
N ALA B 26 17.32 13.66 3.91
CA ALA B 26 18.42 13.54 4.87
C ALA B 26 18.00 12.70 6.07
N ASP B 27 16.79 12.92 6.60
CA ASP B 27 16.40 12.22 7.81
C ASP B 27 16.03 10.77 7.51
N SER B 28 15.41 10.54 6.35
CA SER B 28 15.09 9.17 5.94
C SER B 28 16.35 8.35 5.74
N ILE B 29 17.32 8.90 5.00
CA ILE B 29 18.61 8.23 4.82
C ILE B 29 19.24 7.91 6.17
N GLU B 30 19.21 8.88 7.10
CA GLU B 30 19.84 8.66 8.39
C GLU B 30 19.13 7.55 9.16
N ALA B 31 17.80 7.56 9.17
CA ALA B 31 17.07 6.47 9.80
C ALA B 31 17.41 5.12 9.18
N ALA B 32 17.49 5.07 7.85
CA ALA B 32 17.75 3.80 7.18
C ALA B 32 19.15 3.28 7.53
N GLY B 33 20.13 4.17 7.50
CA GLY B 33 21.49 3.77 7.83
C GLY B 33 21.61 3.32 9.27
N THR B 34 20.93 4.03 10.18
CA THR B 34 20.91 3.63 11.57
C THR B 34 20.28 2.26 11.75
N LEU B 35 19.20 2.00 11.02
CA LEU B 35 18.56 0.68 11.09
C LEU B 35 19.52 -0.43 10.69
N LEU B 36 20.27 -0.23 9.60
CA LEU B 36 21.24 -1.24 9.19
C LEU B 36 22.30 -1.46 10.27
N ALA B 37 22.82 -0.37 10.84
CA ALA B 37 23.81 -0.50 11.91
C ALA B 37 23.24 -1.24 13.11
N ASP B 38 22.02 -0.89 13.52
CA ASP B 38 21.38 -1.59 14.62
C ASP B 38 21.27 -3.09 14.34
N THR B 39 20.85 -3.45 13.14
CA THR B 39 20.68 -4.86 12.80
C THR B 39 22.00 -5.62 12.89
N VAL B 40 23.07 -5.06 12.30
CA VAL B 40 24.37 -5.71 12.39
C VAL B 40 24.78 -5.90 13.84
N GLN B 41 24.76 -4.82 14.62
CA GLN B 41 25.13 -4.89 16.03
C GLN B 41 24.34 -5.96 16.77
N ASN B 42 23.04 -6.04 16.49
CA ASN B 42 22.14 -6.97 17.18
C ASN B 42 22.25 -8.39 16.63
N GLY B 43 23.11 -8.62 15.64
CA GLY B 43 23.34 -9.94 15.12
C GLY B 43 22.50 -10.31 13.92
N GLY B 44 21.80 -9.35 13.33
CA GLY B 44 20.97 -9.63 12.17
C GLY B 44 21.74 -9.55 10.86
N ARG B 45 21.06 -9.96 9.80
CA ARG B 45 21.59 -9.99 8.45
C ARG B 45 21.03 -8.85 7.62
N LEU B 46 21.76 -8.49 6.57
CA LEU B 46 21.41 -7.38 5.70
C LEU B 46 21.26 -7.91 4.28
N PHE B 47 20.15 -7.56 3.64
CA PHE B 47 19.88 -7.97 2.27
C PHE B 47 19.32 -6.79 1.49
N ALA B 48 19.55 -6.80 0.18
CA ALA B 48 19.01 -5.79 -0.73
C ALA B 48 18.41 -6.47 -1.95
N PHE B 49 17.30 -5.94 -2.43
CA PHE B 49 16.60 -6.50 -3.58
C PHE B 49 16.12 -5.41 -4.51
N GLY B 50 16.24 -5.66 -5.81
CA GLY B 50 15.49 -4.93 -6.81
C GLY B 50 15.24 -5.84 -8.00
N ALA B 51 14.24 -5.48 -8.79
CA ALA B 51 13.95 -6.17 -10.04
C ALA B 51 14.45 -5.35 -11.23
N GLY B 52 14.90 -6.05 -12.26
CA GLY B 52 15.27 -5.35 -13.48
C GLY B 52 16.37 -4.35 -13.19
N HIS B 53 16.19 -3.11 -13.67
CA HIS B 53 17.24 -2.11 -13.46
C HIS B 53 17.25 -1.59 -12.03
N SER B 54 16.19 -1.85 -11.25
CA SER B 54 16.25 -1.55 -9.83
C SER B 54 17.21 -2.48 -9.11
N SER B 55 17.47 -3.66 -9.69
CA SER B 55 18.46 -4.57 -9.15
C SER B 55 19.86 -3.96 -9.13
N LEU B 56 20.12 -3.01 -10.04
CA LEU B 56 21.48 -2.48 -10.16
C LEU B 56 21.92 -1.73 -8.91
N ALA B 57 21.00 -0.99 -8.29
CA ALA B 57 21.35 -0.26 -7.07
C ALA B 57 21.62 -1.22 -5.92
N ALA B 58 20.87 -2.33 -5.87
CA ALA B 58 21.08 -3.34 -4.84
C ALA B 58 22.44 -4.00 -4.99
N GLN B 59 22.79 -4.38 -6.22
CA GLN B 59 24.10 -4.98 -6.47
C GLN B 59 25.23 -4.01 -6.15
N ASP B 60 24.99 -2.71 -6.28
CA ASP B 60 26.04 -1.74 -6.06
C ASP B 60 26.54 -1.68 -4.62
N VAL B 61 25.80 -2.24 -3.66
CA VAL B 61 26.24 -2.28 -2.27
C VAL B 61 26.67 -3.68 -1.83
N VAL B 62 26.74 -4.64 -2.74
CA VAL B 62 27.11 -6.01 -2.41
C VAL B 62 28.51 -6.32 -2.94
N TYR B 63 29.34 -6.94 -2.10
CA TYR B 63 30.72 -7.29 -2.44
C TYR B 63 31.42 -6.12 -3.16
N ARG B 64 31.38 -4.96 -2.52
CA ARG B 64 31.66 -3.70 -3.20
C ARG B 64 32.86 -3.02 -2.55
N ALA B 65 33.77 -2.52 -3.38
CA ALA B 65 34.84 -1.65 -2.91
C ALA B 65 34.27 -0.52 -2.06
N GLY B 66 34.76 -0.42 -0.82
CA GLY B 66 34.29 0.63 0.07
C GLY B 66 32.92 0.39 0.65
N GLY B 67 32.42 -0.84 0.59
CA GLY B 67 31.09 -1.17 1.08
C GLY B 67 31.15 -2.14 2.26
N LEU B 68 29.98 -2.38 2.84
CA LEU B 68 29.86 -3.29 3.96
C LEU B 68 29.91 -4.73 3.49
N ALA B 69 30.81 -5.53 4.07
CA ALA B 69 30.89 -6.94 3.73
C ALA B 69 29.58 -7.66 4.05
N LEU B 70 28.81 -7.14 5.00
CA LEU B 70 27.62 -7.84 5.50
C LEU B 70 26.40 -7.67 4.63
N MET B 71 26.47 -6.83 3.58
CA MET B 71 25.31 -6.62 2.72
C MET B 71 25.24 -7.73 1.69
N ASN B 72 24.12 -8.43 1.65
CA ASN B 72 23.91 -9.52 0.70
C ASN B 72 22.89 -9.13 -0.36
N LEU B 73 22.90 -9.86 -1.46
CA LEU B 73 21.90 -9.69 -2.52
C LEU B 73 20.84 -10.76 -2.38
N LEU B 74 19.57 -10.34 -2.45
CA LEU B 74 18.44 -11.27 -2.55
C LEU B 74 18.10 -11.48 -4.02
N THR B 75 18.34 -12.69 -4.52
CA THR B 75 18.22 -12.98 -5.95
C THR B 75 16.85 -13.63 -6.21
N VAL B 76 16.04 -12.96 -7.01
CA VAL B 76 14.85 -13.55 -7.61
C VAL B 76 15.24 -14.00 -9.03
N PRO B 77 15.24 -15.30 -9.33
CA PRO B 77 15.69 -15.73 -10.66
C PRO B 77 14.87 -15.09 -11.77
N GLY B 78 15.59 -14.56 -12.77
CA GLY B 78 14.98 -13.96 -13.94
C GLY B 78 14.93 -12.45 -13.92
N VAL B 79 15.00 -11.81 -12.76
CA VAL B 79 14.92 -10.36 -12.64
C VAL B 79 16.18 -9.76 -12.03
N VAL B 80 17.26 -10.52 -11.94
CA VAL B 80 18.55 -9.99 -11.50
C VAL B 80 19.15 -9.24 -12.68
N GLY B 81 19.05 -7.91 -12.64
CA GLY B 81 19.41 -7.16 -13.81
C GLY B 81 18.48 -7.46 -14.98
N ILE B 82 19.03 -7.39 -16.18
CA ILE B 82 18.28 -7.60 -17.41
C ILE B 82 18.92 -8.70 -18.25
N ASP B 83 19.72 -9.55 -17.60
CA ASP B 83 20.46 -10.63 -18.26
C ASP B 83 19.55 -11.74 -18.80
N VAL B 84 18.27 -11.77 -18.42
CA VAL B 84 17.41 -12.91 -18.75
C VAL B 84 17.06 -12.89 -20.25
N MET B 85 16.85 -14.08 -20.80
CA MET B 85 16.46 -14.22 -22.20
C MET B 85 15.05 -14.78 -22.31
N PRO B 86 14.11 -14.08 -22.98
CA PRO B 86 14.20 -12.72 -23.52
C PRO B 86 14.16 -11.72 -22.38
N ALA B 87 14.64 -10.50 -22.58
CA ALA B 87 14.60 -9.51 -21.50
C ALA B 87 13.18 -9.15 -21.11
N THR B 88 12.23 -9.31 -22.04
CA THR B 88 10.82 -9.04 -21.75
C THR B 88 10.26 -9.96 -20.68
N LEU B 89 10.84 -11.16 -20.51
CA LEU B 89 10.39 -12.03 -19.42
C LEU B 89 10.60 -11.39 -18.05
N GLY B 90 11.67 -10.60 -17.88
CA GLY B 90 11.87 -9.91 -16.61
C GLY B 90 10.69 -9.03 -16.25
N SER B 91 10.12 -8.34 -17.24
CA SER B 91 8.93 -7.53 -17.00
C SER B 91 7.75 -8.41 -16.59
N ALA B 92 7.60 -9.56 -17.26
CA ALA B 92 6.46 -10.43 -16.97
C ALA B 92 6.57 -11.08 -15.60
N LEU B 93 7.79 -11.39 -15.14
CA LEU B 93 7.96 -12.02 -13.85
C LEU B 93 7.57 -11.08 -12.72
N GLU B 94 7.67 -9.77 -12.93
CA GLU B 94 7.27 -8.79 -11.92
C GLU B 94 5.79 -8.86 -11.59
N ARG B 95 4.99 -9.52 -12.43
CA ARG B 95 3.55 -9.59 -12.23
C ARG B 95 3.12 -10.92 -11.65
N VAL B 96 4.05 -11.80 -11.30
CA VAL B 96 3.73 -13.14 -10.85
C VAL B 96 3.55 -13.10 -9.33
N ASP B 97 2.34 -13.39 -8.88
CA ASP B 97 2.08 -13.54 -7.46
C ASP B 97 2.69 -14.85 -6.95
N GLY B 98 3.28 -14.80 -5.76
CA GLY B 98 3.85 -15.96 -5.14
C GLY B 98 5.35 -16.06 -5.28
N LEU B 99 5.93 -15.35 -6.25
CA LEU B 99 7.36 -15.47 -6.50
C LEU B 99 8.17 -14.85 -5.37
N ALA B 100 7.75 -13.68 -4.90
CA ALA B 100 8.46 -13.01 -3.81
C ALA B 100 8.51 -13.88 -2.56
N SER B 101 7.36 -14.47 -2.21
CA SER B 101 7.29 -15.31 -1.02
C SER B 101 8.13 -16.57 -1.17
N ALA B 102 8.15 -17.17 -2.35
CA ALA B 102 9.00 -18.34 -2.56
C ALA B 102 10.47 -18.00 -2.32
N VAL B 103 10.91 -16.85 -2.82
CA VAL B 103 12.31 -16.47 -2.66
C VAL B 103 12.62 -16.14 -1.20
N LEU B 104 11.73 -15.44 -0.52
CA LEU B 104 11.96 -15.09 0.87
C LEU B 104 11.97 -16.34 1.77
N ASP B 105 11.01 -17.23 1.57
CA ASP B 105 10.94 -18.44 2.39
C ASP B 105 12.11 -19.38 2.15
N SER B 106 12.71 -19.36 0.96
CA SER B 106 13.88 -20.19 0.70
C SER B 106 15.17 -19.55 1.17
N SER B 107 15.15 -18.27 1.52
CA SER B 107 16.35 -17.54 1.87
C SER B 107 16.68 -17.75 3.34
N PRO B 108 17.89 -17.36 3.77
CA PRO B 108 18.22 -17.40 5.20
C PRO B 108 17.64 -16.27 6.02
N LEU B 109 16.78 -15.44 5.44
CA LEU B 109 16.24 -14.29 6.16
C LEU B 109 15.36 -14.72 7.32
N ARG B 110 15.51 -14.02 8.44
CA ARG B 110 14.91 -14.37 9.72
C ARG B 110 14.30 -13.12 10.32
N ALA B 111 13.35 -13.31 11.22
CA ALA B 111 12.78 -12.17 11.93
C ALA B 111 13.91 -11.34 12.52
N GLY B 112 13.77 -10.01 12.48
CA GLY B 112 14.79 -9.11 12.93
C GLY B 112 15.80 -8.70 11.87
N ASP B 113 15.90 -9.43 10.77
CA ASP B 113 16.83 -9.07 9.70
C ASP B 113 16.33 -7.82 8.99
N ALA B 114 17.20 -7.26 8.14
CA ALA B 114 16.90 -6.04 7.40
C ALA B 114 16.90 -6.34 5.91
N LEU B 115 15.86 -5.86 5.22
CA LEU B 115 15.74 -5.99 3.77
C LEU B 115 15.50 -4.62 3.15
N VAL B 116 16.34 -4.26 2.17
CA VAL B 116 16.12 -3.08 1.35
C VAL B 116 15.46 -3.53 0.05
N ILE B 117 14.32 -2.93 -0.29
CA ILE B 117 13.63 -3.21 -1.54
C ILE B 117 13.68 -1.96 -2.39
N ILE B 118 14.28 -2.06 -3.57
CA ILE B 118 14.33 -0.96 -4.53
C ILE B 118 13.32 -1.22 -5.64
N SER B 119 12.37 -0.31 -5.82
CA SER B 119 11.44 -0.37 -6.93
C SER B 119 10.98 1.04 -7.25
N LEU B 120 11.31 1.52 -8.44
CA LEU B 120 10.96 2.89 -8.80
C LEU B 120 9.45 3.10 -8.74
N SER B 121 8.69 2.28 -9.46
CA SER B 121 7.25 2.47 -9.52
C SER B 121 6.56 1.94 -8.27
N GLY B 122 7.08 0.87 -7.68
CA GLY B 122 6.46 0.30 -6.50
C GLY B 122 5.06 -0.22 -6.69
N ARG B 123 4.66 -0.50 -7.93
CA ARG B 123 3.26 -0.80 -8.23
C ARG B 123 3.00 -2.25 -8.59
N ASN B 124 4.03 -3.04 -8.86
CA ASN B 124 3.84 -4.40 -9.34
C ASN B 124 3.70 -5.40 -8.20
N ALA B 125 3.21 -6.59 -8.54
CA ALA B 125 2.98 -7.65 -7.57
C ALA B 125 4.26 -8.05 -6.84
N LEU B 126 5.35 -8.23 -7.59
CA LEU B 126 6.58 -8.75 -6.98
C LEU B 126 7.10 -7.88 -5.86
N PRO B 127 7.34 -6.57 -6.05
CA PRO B 127 7.91 -5.79 -4.95
C PRO B 127 6.93 -5.53 -3.82
N VAL B 128 5.64 -5.41 -4.11
CA VAL B 128 4.64 -5.20 -3.06
C VAL B 128 4.48 -6.46 -2.22
N GLU B 129 4.39 -7.61 -2.87
CA GLU B 129 4.36 -8.88 -2.13
C GLU B 129 5.62 -9.07 -1.33
N MET B 130 6.78 -8.72 -1.90
CA MET B 130 8.05 -8.87 -1.19
C MET B 130 8.02 -8.13 0.14
N ALA B 131 7.54 -6.88 0.12
CA ALA B 131 7.46 -6.09 1.34
C ALA B 131 6.43 -6.64 2.32
N MET B 132 5.23 -6.97 1.84
CA MET B 132 4.21 -7.52 2.73
C MET B 132 4.68 -8.80 3.39
N HIS B 133 5.28 -9.72 2.63
CA HIS B 133 5.66 -10.99 3.24
C HIS B 133 6.88 -10.83 4.13
N ALA B 134 7.79 -9.92 3.76
CA ALA B 134 8.95 -9.65 4.61
C ALA B 134 8.51 -9.15 5.99
N ARG B 135 7.57 -8.22 6.01
CA ARG B 135 7.08 -7.65 7.29
C ARG B 135 6.30 -8.74 8.04
N ALA B 136 5.66 -9.68 7.34
CA ALA B 136 4.98 -10.80 7.99
C ALA B 136 5.97 -11.76 8.62
N LEU B 137 7.18 -11.85 8.07
CA LEU B 137 8.22 -12.73 8.59
C LEU B 137 9.02 -12.09 9.72
N GLY B 138 8.74 -10.82 10.04
CA GLY B 138 9.43 -10.12 11.10
C GLY B 138 10.60 -9.28 10.63
N LEU B 139 10.79 -9.15 9.32
CA LEU B 139 11.87 -8.34 8.77
C LEU B 139 11.55 -6.86 8.89
N ARG B 140 12.62 -6.07 9.01
CA ARG B 140 12.52 -4.62 8.88
C ARG B 140 12.80 -4.27 7.42
N VAL B 141 11.94 -3.45 6.83
CA VAL B 141 11.95 -3.21 5.39
C VAL B 141 12.21 -1.73 5.12
N ILE B 142 13.22 -1.47 4.29
CA ILE B 142 13.50 -0.14 3.74
C ILE B 142 13.13 -0.18 2.27
N GLY B 143 12.31 0.76 1.84
CA GLY B 143 11.92 0.88 0.44
C GLY B 143 12.60 2.07 -0.20
N VAL B 144 13.10 1.86 -1.42
CA VAL B 144 13.68 2.91 -2.24
C VAL B 144 12.81 3.02 -3.49
N THR B 145 11.97 4.05 -3.54
CA THR B 145 10.85 4.07 -4.46
C THR B 145 10.44 5.51 -4.67
N SER B 146 9.94 5.80 -5.86
CA SER B 146 9.46 7.14 -6.20
C SER B 146 7.99 7.26 -5.78
N VAL B 147 7.75 7.99 -4.69
CA VAL B 147 6.43 7.99 -4.08
C VAL B 147 5.40 8.65 -5.00
N ALA B 148 5.86 9.51 -5.91
CA ALA B 148 4.93 10.14 -6.85
C ALA B 148 4.17 9.10 -7.66
N TYR B 149 4.79 7.95 -7.93
CA TYR B 149 4.12 6.90 -8.69
C TYR B 149 2.89 6.40 -7.95
N ALA B 150 2.90 6.47 -6.62
CA ALA B 150 1.77 5.93 -5.86
C ALA B 150 0.52 6.76 -6.01
N SER B 151 0.64 8.05 -6.34
CA SER B 151 -0.54 8.87 -6.61
C SER B 151 -0.87 8.95 -8.09
N GLN B 152 0.14 8.82 -8.97
CA GLN B 152 -0.05 9.07 -10.39
C GLN B 152 -0.19 7.81 -11.23
N THR B 153 -0.01 6.63 -10.65
CA THR B 153 -0.28 5.37 -11.33
C THR B 153 -1.17 4.52 -10.44
N THR B 154 -1.71 3.45 -11.02
CA THR B 154 -2.59 2.56 -10.29
C THR B 154 -1.83 1.32 -9.85
N SER B 155 -2.17 0.81 -8.67
CA SER B 155 -1.56 -0.41 -8.19
C SER B 155 -1.89 -1.58 -9.11
N ARG B 156 -0.90 -2.44 -9.34
CA ARG B 156 -1.13 -3.70 -10.03
C ARG B 156 -1.06 -4.89 -9.09
N HIS B 157 -1.10 -4.64 -7.79
CA HIS B 157 -1.13 -5.71 -6.79
C HIS B 157 -2.57 -5.89 -6.33
N ALA B 158 -2.89 -7.11 -5.90
CA ALA B 158 -4.26 -7.40 -5.47
C ALA B 158 -4.69 -6.52 -4.29
N SER B 159 -3.75 -6.10 -3.45
CA SER B 159 -4.08 -5.27 -2.30
C SER B 159 -4.50 -3.86 -2.68
N GLY B 160 -4.21 -3.43 -3.92
CA GLY B 160 -4.45 -2.04 -4.28
C GLY B 160 -3.48 -1.05 -3.69
N THR B 161 -2.40 -1.51 -3.06
CA THR B 161 -1.44 -0.66 -2.37
C THR B 161 -0.13 -0.64 -3.14
N PHE B 162 0.82 0.14 -2.63
CA PHE B 162 2.12 0.31 -3.27
C PHE B 162 3.22 -0.14 -2.31
N LEU B 163 4.42 -0.31 -2.86
CA LEU B 163 5.57 -0.66 -2.03
C LEU B 163 5.67 0.22 -0.80
N LYS B 164 5.60 1.54 -0.98
CA LYS B 164 5.77 2.48 0.12
C LYS B 164 4.83 2.20 1.28
N ASP B 165 3.69 1.57 1.03
CA ASP B 165 2.69 1.36 2.06
C ASP B 165 3.05 0.22 3.01
N HIS B 166 4.17 -0.47 2.76
CA HIS B 166 4.53 -1.66 3.52
C HIS B 166 5.98 -1.61 3.98
N CYS B 167 6.55 -0.41 4.07
CA CYS B 167 7.93 -0.21 4.51
C CYS B 167 7.99 0.43 5.89
N ASP B 168 8.99 0.03 6.67
CA ASP B 168 9.26 0.71 7.93
C ASP B 168 9.87 2.09 7.67
N ILE B 169 10.69 2.19 6.63
CA ILE B 169 11.34 3.44 6.23
C ILE B 169 11.21 3.56 4.72
N VAL B 170 10.84 4.75 4.25
CA VAL B 170 10.69 5.01 2.83
C VAL B 170 11.71 6.06 2.40
N LEU B 171 12.46 5.76 1.35
CA LEU B 171 13.39 6.69 0.72
C LEU B 171 12.82 7.08 -0.63
N ASP B 172 12.50 8.36 -0.79
CA ASP B 172 11.85 8.84 -2.00
C ASP B 172 12.91 9.11 -3.06
N SER B 173 12.85 8.40 -4.18
CA SER B 173 13.84 8.58 -5.23
C SER B 173 13.47 9.64 -6.25
N LYS B 174 12.33 10.33 -6.06
CA LYS B 174 12.08 11.61 -6.72
C LYS B 174 11.75 11.53 -8.20
N ILE B 175 12.08 10.41 -8.87
CA ILE B 175 12.00 10.37 -10.32
C ILE B 175 10.56 10.56 -10.77
N ALA B 176 10.37 11.45 -11.73
CA ALA B 176 9.05 11.72 -12.29
C ALA B 176 8.57 10.54 -13.13
N VAL B 177 7.24 10.38 -13.20
CA VAL B 177 6.66 9.23 -13.89
C VAL B 177 7.18 9.18 -15.32
N GLY B 178 7.67 8.01 -15.73
CA GLY B 178 8.22 7.81 -17.05
C GLY B 178 9.71 7.55 -17.06
N ASP B 179 10.41 7.99 -16.01
CA ASP B 179 11.83 7.72 -15.81
C ASP B 179 12.62 8.13 -17.06
N ALA B 180 12.47 9.41 -17.39
CA ALA B 180 13.08 9.98 -18.59
C ALA B 180 13.10 11.48 -18.39
N GLU B 181 14.29 12.07 -18.40
CA GLU B 181 14.48 13.44 -17.95
C GLU B 181 14.52 14.46 -19.08
N LEU B 182 14.70 14.03 -20.32
CA LEU B 182 14.90 14.96 -21.44
C LEU B 182 13.76 14.81 -22.45
N THR B 183 13.53 15.90 -23.19
CA THR B 183 12.54 15.91 -24.26
C THR B 183 13.01 16.74 -25.44
N LEU B 184 12.62 16.31 -26.64
CA LEU B 184 12.86 17.05 -27.87
C LEU B 184 11.55 17.20 -28.63
N ASP B 185 11.41 18.32 -29.35
CA ASP B 185 10.17 18.57 -30.07
C ASP B 185 9.96 17.54 -31.17
N THR B 186 11.00 17.22 -31.93
CA THR B 186 10.86 16.28 -33.03
C THR B 186 10.74 14.83 -32.56
N VAL B 187 10.73 14.57 -31.26
CA VAL B 187 10.82 13.22 -30.71
C VAL B 187 9.60 13.02 -29.82
N PRO B 188 8.73 12.04 -30.09
CA PRO B 188 7.54 11.88 -29.24
C PRO B 188 7.84 11.38 -27.84
N ALA B 189 8.78 10.47 -27.70
CA ALA B 189 9.04 9.89 -26.38
C ALA B 189 10.09 10.70 -25.62
N PRO B 190 9.97 10.79 -24.30
CA PRO B 190 11.08 11.29 -23.50
C PRO B 190 12.20 10.26 -23.45
N PHE B 191 13.38 10.73 -23.06
CA PHE B 191 14.53 9.84 -23.00
C PHE B 191 15.48 10.29 -21.89
N ALA B 192 16.44 9.43 -21.59
CA ALA B 192 17.55 9.68 -20.70
C ALA B 192 17.14 9.42 -19.26
N PRO B 193 17.15 8.18 -18.79
CA PRO B 193 16.74 7.89 -17.42
C PRO B 193 17.86 8.14 -16.44
N ALA B 194 17.50 8.72 -15.29
CA ALA B 194 18.45 8.95 -14.20
C ALA B 194 18.19 8.09 -12.98
N SER B 195 17.23 7.16 -13.04
CA SER B 195 16.82 6.45 -11.84
C SER B 195 17.97 5.63 -11.24
N THR B 196 18.81 5.02 -12.08
CA THR B 196 19.93 4.25 -11.53
C THR B 196 20.98 5.16 -10.91
N VAL B 197 21.26 6.30 -11.55
CA VAL B 197 22.14 7.29 -10.96
C VAL B 197 21.66 7.67 -9.56
N VAL B 198 20.36 7.94 -9.44
CA VAL B 198 19.81 8.40 -8.17
C VAL B 198 19.75 7.27 -7.16
N THR B 199 19.28 6.09 -7.56
CA THR B 199 19.11 5.00 -6.61
C THR B 199 20.45 4.44 -6.13
N ALA B 200 21.44 4.35 -7.02
CA ALA B 200 22.78 3.97 -6.57
C ALA B 200 23.28 4.94 -5.51
N ALA B 201 23.07 6.23 -5.72
CA ALA B 201 23.61 7.22 -4.79
C ALA B 201 22.89 7.14 -3.45
N LEU B 202 21.57 6.92 -3.50
CA LEU B 202 20.80 6.73 -2.26
C LEU B 202 21.34 5.55 -1.47
N MET B 203 21.55 4.40 -2.14
CA MET B 203 22.00 3.21 -1.44
C MET B 203 23.37 3.44 -0.79
N GLN B 204 24.25 4.16 -1.46
CA GLN B 204 25.56 4.44 -0.87
C GLN B 204 25.44 5.37 0.32
N ALA B 205 24.57 6.37 0.23
CA ALA B 205 24.37 7.27 1.35
C ALA B 205 23.86 6.52 2.57
N VAL B 206 22.98 5.55 2.34
CA VAL B 206 22.47 4.72 3.43
C VAL B 206 23.59 3.87 4.03
N THR B 207 24.32 3.14 3.19
CA THR B 207 25.36 2.26 3.72
C THR B 207 26.53 3.05 4.28
N ALA B 208 26.81 4.24 3.74
CA ALA B 208 27.83 5.09 4.33
C ALA B 208 27.40 5.55 5.72
N THR B 209 26.12 5.85 5.90
CA THR B 209 25.62 6.21 7.22
C THR B 209 25.75 5.04 8.18
N ALA B 210 25.41 3.84 7.72
CA ALA B 210 25.55 2.65 8.57
C ALA B 210 26.99 2.50 9.04
N ALA B 211 27.94 2.60 8.11
CA ALA B 211 29.35 2.42 8.47
C ALA B 211 29.78 3.44 9.50
N ALA B 212 29.44 4.71 9.28
CA ALA B 212 29.81 5.76 10.21
C ALA B 212 29.15 5.56 11.58
N THR B 213 27.91 5.05 11.59
CA THR B 213 27.21 4.85 12.85
C THR B 213 27.83 3.73 13.67
N LEU B 214 28.30 2.66 13.01
CA LEU B 214 29.01 1.62 13.74
C LEU B 214 30.32 2.14 14.32
N ALA B 215 31.02 2.99 13.57
CA ALA B 215 32.26 3.57 14.06
C ALA B 215 32.01 4.44 15.28
N ASP B 216 31.02 5.34 15.19
CA ASP B 216 30.71 6.21 16.32
C ASP B 216 30.43 5.43 17.60
N ARG B 217 29.99 4.18 17.48
CA ARG B 217 29.68 3.34 18.62
C ARG B 217 30.85 2.49 19.06
N GLY B 218 32.05 2.74 18.54
CA GLY B 218 33.20 1.94 18.89
C GLY B 218 33.24 0.58 18.23
N ILE B 219 32.50 0.40 17.14
CA ILE B 219 32.43 -0.86 16.42
C ILE B 219 33.05 -0.65 15.05
N GLU B 220 34.18 -1.29 14.80
CA GLU B 220 34.85 -1.16 13.51
C GLU B 220 33.94 -1.71 12.41
N PRO B 221 33.53 -0.89 11.45
CA PRO B 221 32.65 -1.39 10.38
C PRO B 221 33.41 -2.37 9.50
N PRO B 222 32.76 -3.50 9.11
CA PRO B 222 33.46 -4.45 8.24
C PRO B 222 33.45 -4.02 6.79
N LEU B 223 34.45 -3.22 6.41
CA LEU B 223 34.52 -2.60 5.10
C LEU B 223 35.43 -3.41 4.19
N LEU B 224 35.01 -3.57 2.95
CA LEU B 224 35.82 -4.17 1.90
C LEU B 224 36.61 -3.11 1.16
N ARG B 225 37.76 -3.51 0.63
CA ARG B 225 38.56 -2.67 -0.25
C ARG B 225 38.40 -3.15 -1.69
N SER B 226 38.80 -2.30 -2.63
CA SER B 226 38.74 -2.67 -4.04
C SER B 226 39.71 -3.80 -4.30
N GLY B 227 39.26 -4.83 -5.03
CA GLY B 227 40.16 -5.87 -5.50
C GLY B 227 41.04 -5.51 -6.67
N ASN B 228 40.85 -4.34 -7.27
CA ASN B 228 41.69 -3.89 -8.37
C ASN B 228 42.69 -2.83 -7.93
N VAL B 229 42.88 -2.69 -6.63
CA VAL B 229 44.05 -2.03 -6.04
C VAL B 229 44.86 -3.11 -5.35
N ASP B 230 46.17 -3.11 -5.57
CA ASP B 230 47.03 -4.13 -5.01
C ASP B 230 46.76 -4.28 -3.51
N GLY B 231 46.59 -5.53 -3.08
CA GLY B 231 46.35 -5.86 -1.69
C GLY B 231 44.90 -6.01 -1.33
N GLY B 232 43.98 -5.66 -2.23
CA GLY B 232 42.57 -5.64 -1.85
C GLY B 232 42.00 -7.02 -1.64
N HIS B 233 42.36 -7.99 -2.49
CA HIS B 233 41.79 -9.33 -2.35
C HIS B 233 42.24 -9.98 -1.05
N GLU B 234 43.50 -9.80 -0.66
CA GLU B 234 43.97 -10.33 0.61
C GLU B 234 43.22 -9.69 1.76
N TRP B 235 43.05 -8.37 1.71
CA TRP B 235 42.28 -7.67 2.73
C TRP B 235 40.87 -8.25 2.83
N ASN B 236 40.16 -8.31 1.69
CA ASN B 236 38.78 -8.78 1.70
C ASN B 236 38.68 -10.20 2.21
N ALA B 237 39.64 -11.06 1.84
CA ALA B 237 39.58 -12.45 2.28
C ALA B 237 39.52 -12.57 3.80
N ARG B 238 40.18 -11.66 4.52
CA ARG B 238 40.16 -11.71 5.97
C ARG B 238 38.81 -11.26 6.51
N VAL B 239 38.31 -10.14 5.99
CA VAL B 239 36.99 -9.64 6.41
C VAL B 239 35.92 -10.69 6.12
N LEU B 240 35.94 -11.25 4.91
CA LEU B 240 34.91 -12.20 4.51
C LEU B 240 34.94 -13.44 5.41
N GLU B 241 36.13 -13.92 5.76
CA GLU B 241 36.21 -15.08 6.63
C GLU B 241 35.68 -14.73 8.02
N GLN B 242 36.00 -13.53 8.50
CA GLN B 242 35.61 -13.13 9.84
C GLN B 242 34.10 -13.11 9.98
N TYR B 243 33.42 -12.47 9.03
CA TYR B 243 31.98 -12.29 9.06
C TYR B 243 31.26 -13.30 8.17
N GLY B 244 31.90 -14.43 7.87
CA GLY B 244 31.35 -15.35 6.89
C GLY B 244 30.01 -15.94 7.31
N GLU B 245 29.75 -16.00 8.62
CA GLU B 245 28.52 -16.63 9.09
C GLU B 245 27.28 -15.85 8.65
N ARG B 246 27.42 -14.55 8.41
CA ARG B 246 26.32 -13.72 7.93
C ARG B 246 26.53 -13.23 6.50
N ILE B 247 27.40 -13.92 5.76
CA ILE B 247 27.70 -13.59 4.37
C ILE B 247 27.32 -14.80 3.53
N PHE B 248 26.51 -14.59 2.51
CA PHE B 248 25.96 -15.68 1.73
C PHE B 248 26.39 -15.69 0.27
N TYR B 249 27.25 -14.76 -0.15
CA TYR B 249 27.82 -14.79 -1.49
C TYR B 249 29.19 -15.43 -1.53
N ARG B 250 29.66 -15.99 -0.41
CA ARG B 250 30.88 -16.78 -0.40
C ARG B 250 30.85 -17.74 0.79
N ARG B 251 31.83 -18.63 0.83
CA ARG B 251 31.95 -19.63 1.89
C ARG B 251 33.40 -19.71 2.35
#